data_9CJA
#
_entry.id   9CJA
#
loop_
_entity.id
_entity.type
_entity.pdbx_description
1 polymer 'Zinc finger protein 711'
2 non-polymer 'ZINC ION'
#
_entity_poly.entity_id   1
_entity_poly.type   'polypeptide(L)'
_entity_poly.pdbx_seq_one_letter_code
;(ACE)YKCEHCPQAFGDERELQRHLDLFQGHK(NH2)
;
_entity_poly.pdbx_strand_id   A
#
# COMPACT_ATOMS: atom_id res chain seq x y z
N TYR A 2 5.57 -4.27 2.69
CA TYR A 2 6.61 -5.13 2.09
C TYR A 2 6.49 -5.15 0.57
N LYS A 3 5.83 -6.18 0.05
CA LYS A 3 5.64 -6.32 -1.38
C LYS A 3 4.15 -6.35 -1.72
N CYS A 4 3.75 -5.54 -2.69
CA CYS A 4 2.35 -5.49 -3.10
C CYS A 4 2.17 -6.04 -4.50
N GLU A 5 1.39 -7.12 -4.62
CA GLU A 5 1.15 -7.72 -5.92
C GLU A 5 0.35 -6.76 -6.80
N HIS A 6 -0.62 -6.10 -6.20
CA HIS A 6 -1.44 -5.14 -6.92
C HIS A 6 -0.55 -4.05 -7.50
N CYS A 7 -1.04 -2.81 -7.48
CA CYS A 7 -0.26 -1.71 -8.01
C CYS A 7 1.22 -1.96 -7.73
N PRO A 8 2.01 -2.14 -8.79
CA PRO A 8 3.45 -2.39 -8.68
C PRO A 8 4.12 -1.58 -7.58
N GLN A 9 4.08 -2.11 -6.37
CA GLN A 9 4.69 -1.46 -5.22
C GLN A 9 5.50 -2.47 -4.43
N ALA A 10 6.67 -2.06 -3.96
CA ALA A 10 7.52 -2.96 -3.20
C ALA A 10 8.51 -2.20 -2.35
N PHE A 11 8.15 -2.00 -1.09
CA PHE A 11 9.00 -1.28 -0.15
C PHE A 11 9.22 -2.11 1.11
N GLY A 12 10.37 -1.93 1.73
CA GLY A 12 10.67 -2.69 2.94
C GLY A 12 10.09 -2.04 4.19
N ASP A 13 9.10 -1.17 4.00
CA ASP A 13 8.46 -0.48 5.13
C ASP A 13 6.95 -0.67 5.07
N GLU A 14 6.39 -1.34 6.07
CA GLU A 14 4.95 -1.58 6.13
C GLU A 14 4.14 -0.29 6.09
N ARG A 15 4.77 0.85 6.38
CA ARG A 15 4.04 2.12 6.37
C ARG A 15 3.51 2.38 4.96
N GLU A 16 4.34 2.09 3.97
CA GLU A 16 3.95 2.29 2.57
C GLU A 16 2.62 1.58 2.26
N LEU A 17 2.55 0.29 2.58
CA LEU A 17 1.34 -0.46 2.32
C LEU A 17 0.21 0.11 3.15
N GLN A 18 0.54 0.41 4.41
CA GLN A 18 -0.44 0.99 5.32
C GLN A 18 -1.04 2.23 4.68
N ARG A 19 -0.19 3.04 4.05
CA ARG A 19 -0.66 4.25 3.38
C ARG A 19 -1.55 3.86 2.21
N HIS A 20 -1.12 2.83 1.47
CA HIS A 20 -1.88 2.34 0.33
C HIS A 20 -3.30 1.97 0.77
N LEU A 21 -3.39 1.11 1.77
CA LEU A 21 -4.68 0.66 2.29
C LEU A 21 -5.46 1.82 2.88
N ASP A 22 -4.77 2.68 3.62
CA ASP A 22 -5.43 3.83 4.23
C ASP A 22 -6.02 4.73 3.16
N LEU A 23 -5.18 5.12 2.19
CA LEU A 23 -5.63 5.98 1.10
C LEU A 23 -6.67 5.28 0.24
N PHE A 24 -6.41 4.02 -0.08
CA PHE A 24 -7.32 3.24 -0.90
C PHE A 24 -8.66 3.10 -0.20
N GLN A 25 -8.62 2.85 1.10
CA GLN A 25 -9.84 2.69 1.88
C GLN A 25 -10.36 4.06 2.30
N GLY A 26 -9.57 5.10 2.01
CA GLY A 26 -9.97 6.45 2.36
C GLY A 26 -11.23 6.88 1.62
N HIS A 27 -11.35 6.46 0.37
CA HIS A 27 -12.51 6.81 -0.45
C HIS A 27 -13.72 5.98 -0.03
N LYS A 28 -14.91 6.58 -0.14
CA LYS A 28 -16.13 5.90 0.23
C LYS A 28 -16.37 4.69 -0.70
N TYR A 2 5.88 -4.30 2.54
CA TYR A 2 6.96 -5.08 1.89
C TYR A 2 6.76 -5.11 0.38
N LYS A 3 5.89 -6.01 -0.08
CA LYS A 3 5.62 -6.14 -1.50
C LYS A 3 4.10 -6.13 -1.76
N CYS A 4 3.71 -5.49 -2.86
CA CYS A 4 2.30 -5.40 -3.22
C CYS A 4 2.04 -6.13 -4.53
N GLU A 5 1.26 -7.22 -4.48
CA GLU A 5 0.95 -8.00 -5.66
C GLU A 5 0.19 -7.16 -6.67
N HIS A 6 -0.81 -6.44 -6.19
CA HIS A 6 -1.60 -5.58 -7.06
C HIS A 6 -0.71 -4.55 -7.72
N CYS A 7 -1.20 -3.33 -7.86
CA CYS A 7 -0.42 -2.27 -8.46
C CYS A 7 1.05 -2.42 -8.09
N PRO A 8 1.90 -2.77 -9.06
CA PRO A 8 3.33 -2.96 -8.82
C PRO A 8 3.90 -1.96 -7.82
N GLN A 9 3.74 -2.26 -6.54
CA GLN A 9 4.26 -1.38 -5.49
C GLN A 9 4.85 -2.19 -4.35
N ALA A 10 6.12 -1.94 -4.05
CA ALA A 10 6.80 -2.64 -2.97
C ALA A 10 7.75 -1.69 -2.24
N PHE A 11 7.63 -1.66 -0.91
CA PHE A 11 8.47 -0.81 -0.10
C PHE A 11 9.11 -1.60 1.04
N GLY A 12 10.29 -1.17 1.45
CA GLY A 12 10.99 -1.84 2.53
C GLY A 12 10.23 -1.79 3.83
N ASP A 13 9.60 -0.65 4.09
CA ASP A 13 8.82 -0.46 5.31
C ASP A 13 7.34 -0.73 5.06
N GLU A 14 6.82 -1.79 5.65
CA GLU A 14 5.42 -2.15 5.48
C GLU A 14 4.50 -1.03 5.95
N ARG A 15 5.03 -0.09 6.73
CA ARG A 15 4.23 1.01 7.22
C ARG A 15 3.69 1.80 6.03
N GLU A 16 4.55 1.98 5.03
CA GLU A 16 4.17 2.73 3.82
C GLU A 16 2.93 2.11 3.16
N LEU A 17 2.89 0.79 3.05
CA LEU A 17 1.76 0.11 2.44
C LEU A 17 0.49 0.37 3.24
N GLN A 18 0.60 0.34 4.57
CA GLN A 18 -0.55 0.58 5.42
C GLN A 18 -1.23 1.88 5.02
N ARG A 19 -0.44 2.93 4.74
CA ARG A 19 -1.00 4.21 4.33
C ARG A 19 -1.63 4.05 2.94
N HIS A 20 -0.98 3.26 2.09
CA HIS A 20 -1.47 3.01 0.74
C HIS A 20 -2.90 2.47 0.80
N LEU A 21 -3.10 1.43 1.61
CA LEU A 21 -4.43 0.83 1.75
C LEU A 21 -5.39 1.83 2.37
N ASP A 22 -4.92 2.58 3.35
CA ASP A 22 -5.74 3.57 4.02
C ASP A 22 -6.23 4.61 3.00
N LEU A 23 -5.30 5.15 2.23
CA LEU A 23 -5.63 6.16 1.22
C LEU A 23 -6.51 5.56 0.12
N PHE A 24 -6.12 4.38 -0.34
CA PHE A 24 -6.86 3.69 -1.39
C PHE A 24 -8.27 3.34 -0.92
N GLN A 25 -8.38 2.89 0.33
CA GLN A 25 -9.67 2.52 0.90
C GLN A 25 -10.42 3.76 1.38
N GLY A 26 -9.73 4.88 1.43
CA GLY A 26 -10.36 6.11 1.86
C GLY A 26 -10.74 7.01 0.70
N HIS A 27 -10.47 6.54 -0.51
CA HIS A 27 -10.79 7.30 -1.72
C HIS A 27 -12.29 7.54 -1.82
N LYS A 28 -13.07 6.49 -1.54
CA LYS A 28 -14.52 6.59 -1.59
C LYS A 28 -14.99 8.00 -1.26
N TYR A 2 6.63 -4.20 2.44
CA TYR A 2 7.42 -5.00 1.47
C TYR A 2 6.94 -4.73 0.05
N LYS A 3 6.26 -5.72 -0.54
CA LYS A 3 5.75 -5.61 -1.89
C LYS A 3 4.25 -5.92 -1.90
N CYS A 4 3.49 -5.14 -2.67
CA CYS A 4 2.05 -5.35 -2.77
C CYS A 4 1.69 -6.01 -4.09
N GLU A 5 0.84 -7.03 -4.03
CA GLU A 5 0.41 -7.75 -5.23
C GLU A 5 -0.36 -6.80 -6.13
N HIS A 6 -1.22 -5.99 -5.53
CA HIS A 6 -2.01 -5.03 -6.28
C HIS A 6 -1.04 -4.08 -6.98
N CYS A 7 -1.38 -2.79 -7.05
CA CYS A 7 -0.49 -1.85 -7.69
C CYS A 7 0.94 -2.19 -7.30
N PRO A 8 1.77 -2.59 -8.27
CA PRO A 8 3.16 -2.95 -8.03
C PRO A 8 3.86 -2.00 -7.06
N GLN A 9 4.13 -2.50 -5.86
CA GLN A 9 4.80 -1.70 -4.84
C GLN A 9 5.99 -2.45 -4.27
N ALA A 10 6.99 -1.71 -3.81
CA ALA A 10 8.18 -2.32 -3.23
C ALA A 10 8.91 -1.34 -2.32
N PHE A 11 8.62 -1.45 -1.03
CA PHE A 11 9.23 -0.60 -0.03
C PHE A 11 9.85 -1.46 1.07
N GLY A 12 10.88 -0.93 1.72
CA GLY A 12 11.53 -1.67 2.78
C GLY A 12 10.59 -1.93 3.93
N ASP A 13 9.73 -0.97 4.23
CA ASP A 13 8.78 -1.09 5.31
C ASP A 13 7.37 -1.30 4.78
N GLU A 14 6.60 -2.10 5.48
CA GLU A 14 5.22 -2.40 5.10
C GLU A 14 4.31 -1.22 5.45
N ARG A 15 4.90 -0.21 6.08
CA ARG A 15 4.15 0.99 6.47
C ARG A 15 3.56 1.67 5.23
N GLU A 16 4.36 1.78 4.19
CA GLU A 16 3.91 2.42 2.95
C GLU A 16 2.64 1.73 2.43
N LEU A 17 2.64 0.41 2.41
CA LEU A 17 1.47 -0.33 1.94
C LEU A 17 0.30 -0.03 2.86
N GLN A 18 0.56 -0.01 4.16
CA GLN A 18 -0.49 0.28 5.14
C GLN A 18 -1.19 1.58 4.78
N ARG A 19 -0.41 2.59 4.38
CA ARG A 19 -0.99 3.88 4.01
C ARG A 19 -1.77 3.74 2.71
N HIS A 20 -1.20 3.00 1.75
CA HIS A 20 -1.87 2.78 0.47
C HIS A 20 -3.29 2.27 0.70
N LEU A 21 -3.44 1.32 1.62
CA LEU A 21 -4.75 0.78 1.92
C LEU A 21 -5.62 1.88 2.48
N ASP A 22 -5.02 2.71 3.35
CA ASP A 22 -5.72 3.82 3.97
C ASP A 22 -6.23 4.79 2.91
N LEU A 23 -5.32 5.25 2.05
CA LEU A 23 -5.67 6.17 0.98
C LEU A 23 -6.62 5.54 -0.04
N PHE A 24 -6.31 4.31 -0.43
CA PHE A 24 -7.13 3.58 -1.39
C PHE A 24 -8.54 3.36 -0.84
N GLN A 25 -8.62 3.04 0.44
CA GLN A 25 -9.91 2.81 1.08
C GLN A 25 -10.74 4.07 1.09
N GLY A 26 -10.08 5.20 1.35
CA GLY A 26 -10.79 6.48 1.38
C GLY A 26 -11.05 7.03 -0.01
N HIS A 27 -9.99 7.23 -0.78
CA HIS A 27 -10.12 7.76 -2.13
C HIS A 27 -9.05 7.17 -3.06
N LYS A 28 -9.43 6.84 -4.30
CA LYS A 28 -8.49 6.28 -5.26
C LYS A 28 -7.19 7.07 -5.26
N TYR A 2 9.46 -5.66 1.44
CA TYR A 2 8.21 -6.38 1.08
C TYR A 2 7.80 -6.07 -0.35
N LYS A 3 6.89 -6.88 -0.89
CA LYS A 3 6.41 -6.67 -2.26
C LYS A 3 4.89 -6.60 -2.29
N CYS A 4 4.35 -5.71 -3.13
CA CYS A 4 2.91 -5.55 -3.23
C CYS A 4 2.40 -6.04 -4.59
N GLU A 5 1.45 -6.97 -4.55
CA GLU A 5 0.86 -7.52 -5.75
C GLU A 5 0.09 -6.46 -6.52
N HIS A 6 -0.56 -5.58 -5.76
CA HIS A 6 -1.34 -4.50 -6.37
C HIS A 6 -0.39 -3.61 -7.16
N CYS A 7 -0.70 -2.32 -7.27
CA CYS A 7 0.17 -1.44 -8.02
C CYS A 7 1.61 -1.83 -7.74
N PRO A 8 2.24 -2.51 -8.70
CA PRO A 8 3.63 -2.98 -8.61
C PRO A 8 4.51 -2.12 -7.70
N GLN A 9 4.54 -2.47 -6.42
CA GLN A 9 5.35 -1.73 -5.46
C GLN A 9 6.23 -2.69 -4.67
N ALA A 10 7.48 -2.30 -4.46
CA ALA A 10 8.42 -3.11 -3.73
C ALA A 10 9.11 -2.32 -2.63
N PHE A 11 8.50 -2.32 -1.45
CA PHE A 11 9.05 -1.59 -0.31
C PHE A 11 9.04 -2.47 0.93
N GLY A 12 10.00 -2.25 1.81
CA GLY A 12 10.09 -3.02 3.03
C GLY A 12 9.46 -2.30 4.20
N ASP A 13 8.99 -1.08 3.94
CA ASP A 13 8.35 -0.28 4.96
C ASP A 13 6.86 -0.54 4.98
N GLU A 14 6.39 -1.14 6.07
CA GLU A 14 4.98 -1.44 6.21
C GLU A 14 4.14 -0.20 6.08
N ARG A 15 4.79 0.96 6.23
CA ARG A 15 4.10 2.24 6.13
C ARG A 15 3.49 2.39 4.74
N GLU A 16 4.25 1.99 3.71
CA GLU A 16 3.74 2.10 2.34
C GLU A 16 2.40 1.39 2.23
N LEU A 17 2.34 0.14 2.66
CA LEU A 17 1.08 -0.62 2.59
C LEU A 17 0.04 0.05 3.47
N GLN A 18 0.47 0.47 4.66
CA GLN A 18 -0.42 1.13 5.59
C GLN A 18 -1.09 2.33 4.91
N ARG A 19 -0.30 3.10 4.16
CA ARG A 19 -0.84 4.25 3.46
C ARG A 19 -1.78 3.76 2.37
N HIS A 20 -1.42 2.64 1.71
CA HIS A 20 -2.26 2.10 0.65
C HIS A 20 -3.67 1.88 1.20
N LEU A 21 -3.76 1.28 2.38
CA LEU A 21 -5.05 1.04 3.01
C LEU A 21 -5.75 2.36 3.29
N ASP A 22 -4.96 3.34 3.70
CA ASP A 22 -5.49 4.66 4.00
C ASP A 22 -6.15 5.25 2.76
N LEU A 23 -5.41 5.24 1.66
CA LEU A 23 -5.92 5.77 0.39
C LEU A 23 -7.10 4.94 -0.09
N PHE A 24 -6.97 3.63 0.01
CA PHE A 24 -8.01 2.71 -0.42
C PHE A 24 -9.28 2.95 0.39
N GLN A 25 -9.11 3.13 1.69
CA GLN A 25 -10.23 3.37 2.59
C GLN A 25 -10.88 4.72 2.29
N GLY A 26 -10.05 5.72 2.01
CA GLY A 26 -10.56 7.05 1.70
C GLY A 26 -11.36 7.09 0.41
N HIS A 27 -10.77 6.56 -0.65
CA HIS A 27 -11.42 6.54 -1.95
C HIS A 27 -10.98 5.32 -2.75
N LYS A 28 -11.81 4.91 -3.71
CA LYS A 28 -11.47 3.77 -4.53
C LYS A 28 -10.36 4.12 -5.50
N TYR A 2 7.35 -6.67 2.26
CA TYR A 2 5.99 -6.07 2.10
C TYR A 2 5.82 -5.50 0.69
N LYS A 3 5.61 -6.39 -0.28
CA LYS A 3 5.43 -5.97 -1.67
C LYS A 3 3.99 -6.20 -2.12
N CYS A 4 3.44 -5.23 -2.85
CA CYS A 4 2.06 -5.34 -3.33
C CYS A 4 2.03 -6.03 -4.69
N GLU A 5 1.24 -7.10 -4.79
CA GLU A 5 1.11 -7.84 -6.04
C GLU A 5 0.47 -6.99 -7.11
N HIS A 6 -0.54 -6.23 -6.70
CA HIS A 6 -1.24 -5.34 -7.63
C HIS A 6 -0.26 -4.32 -8.18
N CYS A 7 -0.71 -3.09 -8.36
CA CYS A 7 0.17 -2.05 -8.89
C CYS A 7 1.59 -2.31 -8.40
N PRO A 8 2.46 -2.83 -9.28
CA PRO A 8 3.85 -3.12 -8.95
C PRO A 8 4.44 -2.11 -7.96
N GLN A 9 4.22 -2.35 -6.68
CA GLN A 9 4.73 -1.47 -5.63
C GLN A 9 5.60 -2.24 -4.65
N ALA A 10 6.85 -1.80 -4.50
CA ALA A 10 7.79 -2.45 -3.59
C ALA A 10 8.06 -1.58 -2.37
N PHE A 11 7.80 -2.14 -1.18
CA PHE A 11 8.02 -1.41 0.05
C PHE A 11 8.83 -2.25 1.04
N GLY A 12 9.62 -1.58 1.88
CA GLY A 12 10.45 -2.29 2.84
C GLY A 12 9.89 -2.20 4.25
N ASP A 13 8.83 -1.41 4.42
CA ASP A 13 8.21 -1.26 5.73
C ASP A 13 6.69 -1.24 5.61
N GLU A 14 6.01 -1.67 6.67
CA GLU A 14 4.56 -1.72 6.67
C GLU A 14 3.99 -0.31 6.58
N ARG A 15 4.82 0.68 6.88
CA ARG A 15 4.40 2.06 6.83
C ARG A 15 3.98 2.45 5.41
N GLU A 16 4.79 2.06 4.42
CA GLU A 16 4.46 2.37 3.03
C GLU A 16 3.11 1.78 2.66
N LEU A 17 2.91 0.50 3.00
CA LEU A 17 1.65 -0.16 2.70
C LEU A 17 0.52 0.52 3.45
N GLN A 18 0.78 0.88 4.70
CA GLN A 18 -0.23 1.55 5.50
C GLN A 18 -0.78 2.75 4.74
N ARG A 19 0.10 3.50 4.07
CA ARG A 19 -0.32 4.66 3.29
C ARG A 19 -1.21 4.20 2.14
N HIS A 20 -0.79 3.11 1.50
CA HIS A 20 -1.53 2.55 0.36
C HIS A 20 -2.95 2.17 0.80
N LEU A 21 -3.05 1.43 1.92
CA LEU A 21 -4.35 1.00 2.42
C LEU A 21 -5.16 2.21 2.84
N ASP A 22 -4.48 3.22 3.39
CA ASP A 22 -5.15 4.43 3.82
C ASP A 22 -6.02 4.98 2.70
N LEU A 23 -5.45 5.04 1.49
CA LEU A 23 -6.19 5.54 0.33
C LEU A 23 -7.35 4.62 0.01
N PHE A 24 -7.11 3.32 0.09
CA PHE A 24 -8.14 2.34 -0.19
C PHE A 24 -9.31 2.49 0.77
N GLN A 25 -9.00 2.70 2.05
CA GLN A 25 -10.01 2.87 3.08
C GLN A 25 -10.80 4.15 2.85
N GLY A 26 -10.10 5.18 2.39
CA GLY A 26 -10.74 6.46 2.12
C GLY A 26 -11.43 6.50 0.77
N HIS A 27 -11.24 5.43 -0.01
CA HIS A 27 -11.84 5.35 -1.33
C HIS A 27 -12.96 4.32 -1.34
N LYS A 28 -14.18 4.78 -1.05
CA LYS A 28 -15.35 3.91 -1.02
C LYS A 28 -15.14 2.67 -1.90
N TYR A 2 7.41 -6.82 1.29
CA TYR A 2 6.00 -6.38 1.14
C TYR A 2 5.72 -6.00 -0.31
N LYS A 3 5.56 -7.00 -1.16
CA LYS A 3 5.29 -6.76 -2.57
C LYS A 3 3.78 -6.77 -2.80
N CYS A 4 3.25 -5.65 -3.30
CA CYS A 4 1.82 -5.54 -3.55
C CYS A 4 1.49 -5.97 -4.98
N GLU A 5 0.52 -6.88 -5.11
CA GLU A 5 0.10 -7.36 -6.43
C GLU A 5 -0.38 -6.19 -7.27
N HIS A 6 -1.24 -5.36 -6.67
CA HIS A 6 -1.77 -4.19 -7.38
C HIS A 6 -0.62 -3.30 -7.81
N CYS A 7 -0.86 -1.99 -7.86
CA CYS A 7 0.18 -1.05 -8.25
C CYS A 7 1.53 -1.57 -7.74
N PRO A 8 2.36 -2.09 -8.66
CA PRO A 8 3.68 -2.62 -8.32
C PRO A 8 4.35 -1.86 -7.19
N GLN A 9 4.35 -2.46 -6.01
CA GLN A 9 4.96 -1.85 -4.84
C GLN A 9 5.77 -2.89 -4.06
N ALA A 10 6.98 -2.50 -3.67
CA ALA A 10 7.85 -3.39 -2.92
C ALA A 10 8.77 -2.60 -2.00
N PHE A 11 8.33 -2.45 -0.76
CA PHE A 11 9.08 -1.71 0.23
C PHE A 11 9.24 -2.54 1.49
N GLY A 12 10.33 -2.30 2.22
CA GLY A 12 10.58 -3.04 3.44
C GLY A 12 9.91 -2.41 4.65
N ASP A 13 9.55 -1.14 4.54
CA ASP A 13 8.90 -0.43 5.63
C ASP A 13 7.39 -0.59 5.52
N GLU A 14 6.76 -0.84 6.67
CA GLU A 14 5.31 -1.03 6.74
C GLU A 14 4.55 0.28 6.53
N ARG A 15 5.24 1.41 6.63
CA ARG A 15 4.59 2.72 6.46
C ARG A 15 3.98 2.85 5.06
N GLU A 16 4.74 2.45 4.04
CA GLU A 16 4.25 2.53 2.65
C GLU A 16 2.94 1.78 2.45
N LEU A 17 2.85 0.55 2.96
CA LEU A 17 1.63 -0.23 2.83
C LEU A 17 0.51 0.50 3.53
N GLN A 18 0.83 1.04 4.70
CA GLN A 18 -0.15 1.78 5.47
C GLN A 18 -0.81 2.83 4.59
N ARG A 19 0.00 3.57 3.82
CA ARG A 19 -0.55 4.59 2.93
C ARG A 19 -1.35 3.92 1.84
N HIS A 20 -0.85 2.79 1.34
CA HIS A 20 -1.54 2.06 0.29
C HIS A 20 -2.96 1.74 0.73
N LEU A 21 -3.08 1.19 1.94
CA LEU A 21 -4.37 0.83 2.51
C LEU A 21 -5.25 2.06 2.77
N ASP A 22 -4.65 3.16 3.20
CA ASP A 22 -5.42 4.37 3.48
C ASP A 22 -6.26 4.73 2.26
N LEU A 23 -5.66 4.66 1.08
CA LEU A 23 -6.39 4.98 -0.15
C LEU A 23 -7.54 4.02 -0.38
N PHE A 24 -7.30 2.75 -0.17
CA PHE A 24 -8.33 1.73 -0.34
C PHE A 24 -9.47 1.96 0.63
N GLN A 25 -9.14 2.28 1.87
CA GLN A 25 -10.15 2.54 2.88
C GLN A 25 -10.68 3.96 2.74
N GLY A 26 -10.02 4.73 1.89
CA GLY A 26 -10.43 6.10 1.65
C GLY A 26 -10.70 6.35 0.18
N HIS A 27 -10.85 5.27 -0.57
CA HIS A 27 -11.12 5.36 -2.00
C HIS A 27 -12.54 5.84 -2.26
N LYS A 28 -12.76 6.50 -3.39
CA LYS A 28 -14.08 7.01 -3.72
C LYS A 28 -15.15 5.96 -3.40
N TYR A 2 8.28 -6.07 2.01
CA TYR A 2 6.92 -6.49 1.58
C TYR A 2 6.71 -6.16 0.10
N LYS A 3 5.87 -6.95 -0.57
CA LYS A 3 5.60 -6.71 -1.99
C LYS A 3 4.09 -6.69 -2.24
N CYS A 4 3.68 -5.85 -3.18
CA CYS A 4 2.27 -5.73 -3.52
C CYS A 4 2.02 -6.28 -4.92
N GLU A 5 1.26 -7.36 -5.03
CA GLU A 5 0.99 -7.94 -6.32
C GLU A 5 0.27 -6.92 -7.19
N HIS A 6 -0.72 -6.24 -6.62
CA HIS A 6 -1.47 -5.24 -7.35
C HIS A 6 -0.50 -4.18 -7.87
N CYS A 7 -0.91 -2.94 -7.84
CA CYS A 7 -0.05 -1.86 -8.30
C CYS A 7 1.39 -2.19 -7.97
N PRO A 8 2.33 -1.78 -8.81
CA PRO A 8 3.74 -2.04 -8.61
C PRO A 8 4.26 -1.45 -7.31
N GLN A 9 4.10 -2.21 -6.23
CA GLN A 9 4.53 -1.76 -4.91
C GLN A 9 5.63 -2.67 -4.37
N ALA A 10 6.69 -2.04 -3.85
CA ALA A 10 7.82 -2.78 -3.31
C ALA A 10 8.60 -1.93 -2.32
N PHE A 11 8.23 -2.05 -1.06
CA PHE A 11 8.88 -1.31 0.00
C PHE A 11 9.32 -2.26 1.11
N GLY A 12 10.36 -1.88 1.84
CA GLY A 12 10.86 -2.73 2.91
C GLY A 12 10.28 -2.36 4.27
N ASP A 13 9.10 -1.76 4.27
CA ASP A 13 8.44 -1.35 5.50
C ASP A 13 6.91 -1.46 5.38
N GLU A 14 6.24 -1.28 6.51
CA GLU A 14 4.77 -1.36 6.57
C GLU A 14 4.12 0.02 6.50
N ARG A 15 4.91 1.08 6.68
CA ARG A 15 4.38 2.44 6.62
C ARG A 15 3.87 2.75 5.21
N GLU A 16 4.64 2.38 4.20
CA GLU A 16 4.24 2.64 2.81
C GLU A 16 2.91 2.00 2.49
N LEU A 17 2.76 0.71 2.82
CA LEU A 17 1.51 0.02 2.55
C LEU A 17 0.43 0.67 3.36
N GLN A 18 0.77 0.97 4.61
CA GLN A 18 -0.17 1.59 5.52
C GLN A 18 -0.95 2.68 4.80
N ARG A 19 -0.23 3.56 4.10
CA ARG A 19 -0.87 4.64 3.36
C ARG A 19 -1.63 4.07 2.17
N HIS A 20 -1.06 3.05 1.53
CA HIS A 20 -1.70 2.43 0.38
C HIS A 20 -3.11 2.02 0.77
N LEU A 21 -3.20 1.22 1.84
CA LEU A 21 -4.49 0.75 2.31
C LEU A 21 -5.30 1.94 2.78
N ASP A 22 -4.59 2.94 3.31
CA ASP A 22 -5.21 4.15 3.81
C ASP A 22 -6.01 4.83 2.70
N LEU A 23 -5.40 4.93 1.52
CA LEU A 23 -6.04 5.55 0.38
C LEU A 23 -7.28 4.76 -0.03
N PHE A 24 -7.14 3.45 -0.08
CA PHE A 24 -8.23 2.58 -0.46
C PHE A 24 -9.41 2.76 0.49
N GLN A 25 -9.11 2.79 1.77
CA GLN A 25 -10.13 2.96 2.80
C GLN A 25 -10.78 4.32 2.69
N GLY A 26 -9.99 5.32 2.34
CA GLY A 26 -10.52 6.67 2.21
C GLY A 26 -11.05 6.93 0.81
N HIS A 27 -11.10 5.87 0.01
CA HIS A 27 -11.58 5.97 -1.35
C HIS A 27 -13.02 6.48 -1.38
N LYS A 28 -13.83 5.97 -0.46
CA LYS A 28 -15.23 6.37 -0.38
C LYS A 28 -15.35 7.89 -0.39
N TYR A 2 8.79 -6.08 1.25
CA TYR A 2 7.31 -6.04 1.21
C TYR A 2 6.81 -5.72 -0.19
N LYS A 3 6.95 -6.66 -1.11
CA LYS A 3 6.50 -6.45 -2.49
C LYS A 3 4.99 -6.53 -2.57
N CYS A 4 4.36 -5.48 -3.09
CA CYS A 4 2.92 -5.45 -3.21
C CYS A 4 2.46 -5.86 -4.61
N GLU A 5 1.64 -6.92 -4.68
CA GLU A 5 1.14 -7.40 -5.95
C GLU A 5 0.25 -6.35 -6.59
N HIS A 6 -0.57 -5.70 -5.76
CA HIS A 6 -1.48 -4.65 -6.24
C HIS A 6 -0.64 -3.59 -6.92
N CYS A 7 -1.01 -2.33 -6.74
CA CYS A 7 -0.23 -1.27 -7.35
C CYS A 7 1.24 -1.65 -7.26
N PRO A 8 1.97 -1.60 -8.37
CA PRO A 8 3.39 -1.96 -8.41
C PRO A 8 4.21 -1.23 -7.35
N GLN A 9 4.32 -1.84 -6.18
CA GLN A 9 5.08 -1.26 -5.10
C GLN A 9 5.99 -2.30 -4.46
N ALA A 10 7.11 -1.85 -3.93
CA ALA A 10 8.08 -2.72 -3.29
C ALA A 10 8.99 -1.92 -2.37
N PHE A 11 8.64 -1.92 -1.09
CA PHE A 11 9.41 -1.20 -0.10
C PHE A 11 9.78 -2.12 1.05
N GLY A 12 10.87 -1.82 1.73
CA GLY A 12 11.30 -2.65 2.84
C GLY A 12 10.83 -2.09 4.16
N ASP A 13 9.59 -1.62 4.18
CA ASP A 13 9.00 -1.05 5.38
C ASP A 13 7.52 -1.40 5.45
N GLU A 14 6.85 -1.00 6.54
CA GLU A 14 5.43 -1.30 6.71
C GLU A 14 4.53 -0.20 6.14
N ARG A 15 5.14 0.80 5.51
CA ARG A 15 4.36 1.89 4.93
C ARG A 15 3.41 1.36 3.87
N GLU A 16 3.91 0.45 3.03
CA GLU A 16 3.09 -0.14 1.98
C GLU A 16 1.65 -0.26 2.42
N LEU A 17 1.40 -1.00 3.50
CA LEU A 17 0.04 -1.17 3.99
C LEU A 17 -0.52 0.17 4.44
N GLN A 18 0.33 0.97 5.09
CA GLN A 18 -0.11 2.28 5.55
C GLN A 18 -0.74 3.04 4.39
N ARG A 19 -0.04 3.07 3.27
CA ARG A 19 -0.55 3.76 2.08
C ARG A 19 -1.78 3.02 1.57
N HIS A 20 -1.77 1.69 1.66
CA HIS A 20 -2.91 0.89 1.21
C HIS A 20 -4.20 1.36 1.89
N LEU A 21 -4.13 1.57 3.21
CA LEU A 21 -5.32 2.02 3.94
C LEU A 21 -5.76 3.38 3.42
N ASP A 22 -4.81 4.26 3.17
CA ASP A 22 -5.13 5.60 2.68
C ASP A 22 -5.86 5.48 1.35
N LEU A 23 -5.30 4.67 0.45
CA LEU A 23 -5.88 4.47 -0.86
C LEU A 23 -7.24 3.79 -0.74
N PHE A 24 -7.30 2.77 0.10
CA PHE A 24 -8.53 2.03 0.31
C PHE A 24 -9.62 2.94 0.86
N GLN A 25 -9.23 3.79 1.80
CA GLN A 25 -10.16 4.73 2.41
C GLN A 25 -10.47 5.87 1.47
N GLY A 26 -9.62 6.04 0.46
CA GLY A 26 -9.81 7.10 -0.51
C GLY A 26 -10.55 6.63 -1.74
N HIS A 27 -11.21 5.48 -1.62
CA HIS A 27 -11.97 4.92 -2.73
C HIS A 27 -13.04 5.88 -3.21
N LYS A 28 -13.76 6.47 -2.26
CA LYS A 28 -14.82 7.41 -2.59
C LYS A 28 -14.23 8.63 -3.29
N TYR A 2 6.06 -3.73 2.40
CA TYR A 2 6.25 -5.09 1.83
C TYR A 2 5.88 -5.12 0.35
N LYS A 3 5.82 -6.32 -0.22
CA LYS A 3 5.47 -6.48 -1.63
C LYS A 3 3.98 -6.21 -1.83
N CYS A 4 3.66 -5.43 -2.84
CA CYS A 4 2.28 -5.10 -3.13
C CYS A 4 1.85 -5.65 -4.50
N GLU A 5 0.83 -6.52 -4.49
CA GLU A 5 0.33 -7.12 -5.71
C GLU A 5 -0.28 -6.04 -6.59
N HIS A 6 -1.02 -5.14 -5.97
CA HIS A 6 -1.64 -4.06 -6.72
C HIS A 6 -0.52 -3.27 -7.36
N CYS A 7 -0.64 -1.95 -7.40
CA CYS A 7 0.42 -1.16 -7.99
C CYS A 7 1.76 -1.82 -7.69
N PRO A 8 2.66 -1.87 -8.68
CA PRO A 8 3.98 -2.48 -8.52
C PRO A 8 4.82 -1.80 -7.44
N GLN A 9 4.65 -2.24 -6.18
CA GLN A 9 5.40 -1.67 -5.08
C GLN A 9 6.15 -2.75 -4.32
N ALA A 10 7.45 -2.54 -4.13
CA ALA A 10 8.29 -3.49 -3.44
C ALA A 10 9.26 -2.78 -2.50
N PHE A 11 8.84 -2.60 -1.26
CA PHE A 11 9.65 -1.95 -0.26
C PHE A 11 9.70 -2.79 1.00
N GLY A 12 10.75 -2.64 1.77
CA GLY A 12 10.88 -3.41 3.00
C GLY A 12 10.37 -2.63 4.19
N ASP A 13 9.36 -1.80 3.95
CA ASP A 13 8.76 -0.98 4.99
C ASP A 13 7.24 -1.08 4.94
N GLU A 14 6.61 -1.12 6.11
CA GLU A 14 5.16 -1.23 6.19
C GLU A 14 4.47 0.13 6.08
N ARG A 15 5.24 1.22 6.00
CA ARG A 15 4.64 2.55 5.89
C ARG A 15 3.81 2.64 4.61
N GLU A 16 4.37 2.13 3.52
CA GLU A 16 3.69 2.15 2.22
C GLU A 16 2.34 1.42 2.30
N LEU A 17 2.30 0.29 2.99
CA LEU A 17 1.06 -0.48 3.12
C LEU A 17 0.01 0.36 3.83
N GLN A 18 0.44 1.04 4.88
CA GLN A 18 -0.47 1.89 5.65
C GLN A 18 -1.13 2.91 4.72
N ARG A 19 -0.34 3.52 3.84
CA ARG A 19 -0.86 4.52 2.91
C ARG A 19 -1.77 3.83 1.88
N HIS A 20 -1.32 2.67 1.39
CA HIS A 20 -2.11 1.94 0.40
C HIS A 20 -3.50 1.65 0.95
N LEU A 21 -3.56 1.13 2.17
CA LEU A 21 -4.84 0.82 2.80
C LEU A 21 -5.62 2.10 3.05
N ASP A 22 -4.90 3.17 3.40
CA ASP A 22 -5.53 4.45 3.66
C ASP A 22 -6.29 4.89 2.42
N LEU A 23 -5.65 4.79 1.27
CA LEU A 23 -6.27 5.16 0.01
C LEU A 23 -7.44 4.24 -0.29
N PHE A 24 -7.24 2.95 -0.01
CA PHE A 24 -8.25 1.95 -0.22
C PHE A 24 -9.50 2.27 0.59
N GLN A 25 -9.28 2.66 1.83
CA GLN A 25 -10.38 3.01 2.71
C GLN A 25 -11.14 4.19 2.13
N GLY A 26 -10.40 5.17 1.65
CA GLY A 26 -11.02 6.35 1.06
C GLY A 26 -11.76 6.01 -0.22
N HIS A 27 -11.10 5.23 -1.07
CA HIS A 27 -11.69 4.81 -2.33
C HIS A 27 -11.18 3.43 -2.74
N LYS A 28 -11.79 2.38 -2.20
CA LYS A 28 -11.39 1.02 -2.52
C LYS A 28 -11.48 0.78 -4.03
N TYR A 2 7.13 -5.36 2.81
CA TYR A 2 7.12 -6.50 1.88
C TYR A 2 6.79 -6.03 0.46
N LYS A 3 6.39 -6.96 -0.40
CA LYS A 3 6.06 -6.64 -1.77
C LYS A 3 4.54 -6.59 -1.96
N CYS A 4 4.09 -5.70 -2.83
CA CYS A 4 2.67 -5.55 -3.11
C CYS A 4 2.33 -6.06 -4.50
N GLU A 5 1.47 -7.08 -4.57
CA GLU A 5 1.08 -7.63 -5.85
C GLU A 5 0.26 -6.59 -6.62
N HIS A 6 -0.54 -5.84 -5.89
CA HIS A 6 -1.36 -4.80 -6.50
C HIS A 6 -0.46 -3.80 -7.20
N CYS A 7 -0.85 -2.53 -7.16
CA CYS A 7 -0.05 -1.52 -7.80
C CYS A 7 1.43 -1.84 -7.58
N PRO A 8 2.17 -2.10 -8.66
CA PRO A 8 3.60 -2.43 -8.59
C PRO A 8 4.33 -1.68 -7.48
N GLN A 9 4.24 -2.19 -6.25
CA GLN A 9 4.89 -1.57 -5.13
C GLN A 9 5.77 -2.56 -4.39
N ALA A 10 7.00 -2.15 -4.10
CA ALA A 10 7.95 -3.00 -3.40
C ALA A 10 8.78 -2.16 -2.43
N PHE A 11 8.44 -2.25 -1.16
CA PHE A 11 9.16 -1.51 -0.14
C PHE A 11 9.57 -2.42 1.02
N GLY A 12 10.63 -2.02 1.70
CA GLY A 12 11.13 -2.81 2.82
C GLY A 12 10.41 -2.54 4.13
N ASP A 13 9.19 -1.99 4.06
CA ASP A 13 8.43 -1.70 5.26
C ASP A 13 6.93 -1.79 4.99
N GLU A 14 6.13 -1.71 6.06
CA GLU A 14 4.68 -1.77 5.93
C GLU A 14 4.04 -0.39 6.02
N ARG A 15 4.84 0.63 6.31
CA ARG A 15 4.31 1.99 6.43
C ARG A 15 3.75 2.43 5.09
N GLU A 16 4.50 2.15 4.03
CA GLU A 16 4.06 2.51 2.68
C GLU A 16 2.72 1.87 2.36
N LEU A 17 2.56 0.60 2.70
CA LEU A 17 1.31 -0.11 2.45
C LEU A 17 0.17 0.55 3.22
N GLN A 18 0.46 0.92 4.47
CA GLN A 18 -0.54 1.56 5.30
C GLN A 18 -1.14 2.77 4.59
N ARG A 19 -0.28 3.60 3.99
CA ARG A 19 -0.76 4.77 3.27
C ARG A 19 -1.57 4.30 2.07
N HIS A 20 -1.06 3.28 1.37
CA HIS A 20 -1.74 2.73 0.21
C HIS A 20 -3.15 2.31 0.58
N LEU A 21 -3.27 1.49 1.62
CA LEU A 21 -4.57 1.03 2.07
C LEU A 21 -5.40 2.19 2.59
N ASP A 22 -4.72 3.17 3.19
CA ASP A 22 -5.42 4.34 3.73
C ASP A 22 -6.29 4.99 2.68
N LEU A 23 -5.74 5.16 1.47
CA LEU A 23 -6.48 5.77 0.38
C LEU A 23 -7.68 4.93 -0.01
N PHE A 24 -7.46 3.62 -0.12
CA PHE A 24 -8.52 2.70 -0.49
C PHE A 24 -9.62 2.64 0.57
N GLN A 25 -9.22 2.66 1.84
CA GLN A 25 -10.21 2.62 2.93
C GLN A 25 -11.05 3.88 2.95
N GLY A 26 -10.42 5.01 2.65
CA GLY A 26 -11.13 6.28 2.63
C GLY A 26 -11.74 6.58 1.29
N HIS A 27 -11.72 5.59 0.41
CA HIS A 27 -12.28 5.74 -0.93
C HIS A 27 -13.75 6.12 -0.84
N LYS A 28 -14.46 5.51 0.09
CA LYS A 28 -15.88 5.79 0.28
C LYS A 28 -16.33 5.27 1.64
N TYR A 2 8.39 -5.74 2.24
CA TYR A 2 6.98 -5.99 1.83
C TYR A 2 6.81 -5.81 0.33
N LYS A 3 5.77 -6.44 -0.23
CA LYS A 3 5.50 -6.33 -1.66
C LYS A 3 4.01 -6.19 -1.90
N CYS A 4 3.63 -5.47 -2.95
CA CYS A 4 2.23 -5.27 -3.28
C CYS A 4 1.88 -5.90 -4.63
N GLU A 5 0.92 -6.82 -4.62
CA GLU A 5 0.51 -7.48 -5.85
C GLU A 5 -0.08 -6.45 -6.80
N HIS A 6 -0.91 -5.58 -6.24
CA HIS A 6 -1.55 -4.53 -7.02
C HIS A 6 -0.46 -3.66 -7.64
N CYS A 7 -0.68 -2.36 -7.70
CA CYS A 7 0.32 -1.47 -8.27
C CYS A 7 1.71 -2.00 -7.94
N PRO A 8 2.56 -2.18 -8.94
CA PRO A 8 3.92 -2.69 -8.74
C PRO A 8 4.66 -1.97 -7.62
N GLN A 9 4.49 -2.45 -6.38
CA GLN A 9 5.15 -1.83 -5.24
C GLN A 9 6.00 -2.85 -4.48
N ALA A 10 7.14 -2.41 -3.97
CA ALA A 10 8.04 -3.28 -3.23
C ALA A 10 8.93 -2.49 -2.28
N PHE A 11 8.46 -2.30 -1.05
CA PHE A 11 9.20 -1.56 -0.05
C PHE A 11 9.31 -2.35 1.26
N GLY A 12 10.40 -2.12 1.99
CA GLY A 12 10.60 -2.82 3.24
C GLY A 12 9.89 -2.15 4.41
N ASP A 13 9.35 -0.95 4.16
CA ASP A 13 8.64 -0.21 5.19
C ASP A 13 7.15 -0.54 5.17
N GLU A 14 6.67 -1.15 6.24
CA GLU A 14 5.26 -1.51 6.34
C GLU A 14 4.37 -0.29 6.22
N ARG A 15 4.96 0.88 6.44
CA ARG A 15 4.22 2.15 6.36
C ARG A 15 3.67 2.37 4.95
N GLU A 16 4.48 2.04 3.95
CA GLU A 16 4.07 2.21 2.55
C GLU A 16 2.74 1.51 2.29
N LEU A 17 2.62 0.25 2.71
CA LEU A 17 1.39 -0.50 2.51
C LEU A 17 0.27 0.16 3.27
N GLN A 18 0.56 0.59 4.49
CA GLN A 18 -0.43 1.24 5.32
C GLN A 18 -1.06 2.40 4.56
N ARG A 19 -0.21 3.20 3.91
CA ARG A 19 -0.68 4.35 3.14
C ARG A 19 -1.54 3.86 1.98
N HIS A 20 -1.11 2.76 1.35
CA HIS A 20 -1.84 2.18 0.23
C HIS A 20 -3.27 1.88 0.64
N LEU A 21 -3.40 1.12 1.73
CA LEU A 21 -4.72 0.75 2.23
C LEU A 21 -5.47 2.00 2.70
N ASP A 22 -4.73 2.93 3.30
CA ASP A 22 -5.32 4.17 3.79
C ASP A 22 -6.12 4.87 2.70
N LEU A 23 -5.54 4.93 1.50
CA LEU A 23 -6.22 5.58 0.38
C LEU A 23 -7.49 4.85 0.01
N PHE A 24 -7.40 3.52 -0.05
CA PHE A 24 -8.54 2.69 -0.39
C PHE A 24 -9.64 2.82 0.65
N GLN A 25 -9.24 2.86 1.92
CA GLN A 25 -10.18 2.98 3.02
C GLN A 25 -10.45 4.44 3.32
N GLY A 26 -9.83 5.32 2.54
CA GLY A 26 -10.01 6.75 2.73
C GLY A 26 -11.32 7.26 2.13
N HIS A 27 -12.12 6.34 1.61
CA HIS A 27 -13.39 6.72 1.00
C HIS A 27 -14.39 7.20 2.05
N LYS A 28 -13.96 7.22 3.31
CA LYS A 28 -14.80 7.66 4.41
C LYS A 28 -15.95 8.54 3.90
N TYR A 2 8.42 -5.91 1.37
CA TYR A 2 7.01 -6.29 1.11
C TYR A 2 6.71 -6.19 -0.38
N LYS A 3 5.76 -7.00 -0.83
CA LYS A 3 5.40 -6.99 -2.24
C LYS A 3 3.89 -6.86 -2.39
N CYS A 4 3.48 -6.08 -3.38
CA CYS A 4 2.08 -5.87 -3.64
C CYS A 4 1.78 -6.21 -5.10
N GLU A 5 0.84 -7.13 -5.29
CA GLU A 5 0.44 -7.57 -6.62
C GLU A 5 -0.23 -6.44 -7.38
N HIS A 6 -1.09 -5.70 -6.70
CA HIS A 6 -1.77 -4.58 -7.35
C HIS A 6 -0.75 -3.60 -7.83
N CYS A 7 -1.14 -2.34 -7.90
CA CYS A 7 -0.24 -1.30 -8.34
C CYS A 7 1.19 -1.67 -7.97
N PRO A 8 1.98 -2.10 -8.95
CA PRO A 8 3.35 -2.49 -8.72
C PRO A 8 4.02 -1.70 -7.60
N GLN A 9 4.18 -2.36 -6.45
CA GLN A 9 4.80 -1.74 -5.30
C GLN A 9 5.69 -2.74 -4.57
N ALA A 10 6.79 -2.25 -4.02
CA ALA A 10 7.73 -3.11 -3.31
C ALA A 10 8.56 -2.31 -2.31
N PHE A 11 8.08 -2.23 -1.08
CA PHE A 11 8.78 -1.50 -0.03
C PHE A 11 8.94 -2.37 1.21
N GLY A 12 10.00 -2.10 1.98
CA GLY A 12 10.25 -2.86 3.18
C GLY A 12 9.78 -2.17 4.43
N ASP A 13 9.38 -0.91 4.29
CA ASP A 13 8.90 -0.12 5.42
C ASP A 13 7.38 -0.30 5.55
N GLU A 14 6.94 -0.89 6.65
CA GLU A 14 5.51 -1.11 6.85
C GLU A 14 4.71 0.19 6.75
N ARG A 15 5.37 1.32 6.93
CA ARG A 15 4.68 2.60 6.85
C ARG A 15 4.15 2.82 5.43
N GLU A 16 4.95 2.43 4.45
CA GLU A 16 4.55 2.58 3.05
C GLU A 16 3.18 1.94 2.84
N LEU A 17 3.04 0.68 3.23
CA LEU A 17 1.79 -0.04 3.09
C LEU A 17 0.70 0.62 3.93
N GLN A 18 1.07 1.02 5.15
CA GLN A 18 0.11 1.67 6.02
C GLN A 18 -0.80 2.58 5.20
N ARG A 19 -0.19 3.41 4.35
CA ARG A 19 -0.97 4.31 3.50
C ARG A 19 -1.76 3.51 2.48
N HIS A 20 -1.15 2.44 1.96
CA HIS A 20 -1.80 1.60 0.98
C HIS A 20 -3.29 1.44 1.31
N LEU A 21 -3.56 0.94 2.51
CA LEU A 21 -4.93 0.74 2.97
C LEU A 21 -5.66 2.07 3.08
N ASP A 22 -4.97 3.12 3.52
CA ASP A 22 -5.61 4.42 3.66
C ASP A 22 -6.14 4.88 2.29
N LEU A 23 -5.28 4.81 1.28
CA LEU A 23 -5.66 5.21 -0.07
C LEU A 23 -6.76 4.30 -0.61
N PHE A 24 -6.60 2.99 -0.36
CA PHE A 24 -7.57 2.02 -0.82
C PHE A 24 -8.94 2.33 -0.24
N GLN A 25 -8.96 2.65 1.04
CA GLN A 25 -10.20 2.97 1.72
C GLN A 25 -10.79 4.25 1.14
N GLY A 26 -9.92 5.19 0.80
CA GLY A 26 -10.37 6.45 0.23
C GLY A 26 -11.09 6.24 -1.08
N HIS A 27 -10.62 5.27 -1.86
CA HIS A 27 -11.21 4.96 -3.15
C HIS A 27 -12.18 3.78 -3.01
N LYS A 28 -13.32 3.86 -3.67
CA LYS A 28 -14.30 2.80 -3.60
C LYS A 28 -13.63 1.45 -3.35
N TYR A 2 8.46 -6.04 1.37
CA TYR A 2 6.96 -6.09 1.34
C TYR A 2 6.44 -5.64 -0.02
N LYS A 3 6.52 -6.52 -1.01
CA LYS A 3 6.04 -6.22 -2.36
C LYS A 3 4.53 -6.41 -2.43
N CYS A 4 3.83 -5.49 -3.10
CA CYS A 4 2.39 -5.61 -3.22
C CYS A 4 2.01 -6.09 -4.61
N GLU A 5 1.17 -7.12 -4.67
CA GLU A 5 0.72 -7.69 -5.94
C GLU A 5 -0.09 -6.68 -6.74
N HIS A 6 -0.99 -5.98 -6.07
CA HIS A 6 -1.80 -4.98 -6.77
C HIS A 6 -0.87 -3.97 -7.40
N CYS A 7 -1.23 -2.69 -7.40
CA CYS A 7 -0.36 -1.68 -7.98
C CYS A 7 1.09 -2.07 -7.72
N PRO A 8 1.94 -2.04 -8.76
CA PRO A 8 3.35 -2.41 -8.62
C PRO A 8 4.04 -1.65 -7.50
N GLN A 9 4.31 -2.34 -6.39
CA GLN A 9 4.97 -1.72 -5.23
C GLN A 9 5.91 -2.70 -4.54
N ALA A 10 7.06 -2.19 -4.08
CA ALA A 10 8.04 -3.02 -3.40
C ALA A 10 8.86 -2.21 -2.39
N PHE A 11 8.38 -2.17 -1.15
CA PHE A 11 9.05 -1.44 -0.08
C PHE A 11 9.23 -2.33 1.15
N GLY A 12 10.28 -2.05 1.92
CA GLY A 12 10.55 -2.84 3.12
C GLY A 12 9.91 -2.25 4.36
N ASP A 13 9.47 -1.00 4.27
CA ASP A 13 8.83 -0.32 5.39
C ASP A 13 7.32 -0.51 5.33
N GLU A 14 6.77 -1.16 6.35
CA GLU A 14 5.33 -1.41 6.45
C GLU A 14 4.52 -0.12 6.33
N ARG A 15 5.18 1.02 6.50
CA ARG A 15 4.50 2.32 6.43
C ARG A 15 3.87 2.59 5.06
N GLU A 16 4.58 2.30 3.98
CA GLU A 16 4.02 2.56 2.63
C GLU A 16 2.74 1.74 2.40
N LEU A 17 2.78 0.44 2.67
CA LEU A 17 1.60 -0.39 2.47
C LEU A 17 0.49 0.05 3.42
N GLN A 18 0.89 0.38 4.65
CA GLN A 18 -0.07 0.83 5.65
C GLN A 18 -0.97 1.91 5.06
N ARG A 19 -0.36 2.92 4.43
CA ARG A 19 -1.12 4.01 3.83
C ARG A 19 -1.94 3.46 2.65
N HIS A 20 -1.32 2.55 1.90
CA HIS A 20 -1.98 1.94 0.74
C HIS A 20 -3.48 1.75 1.02
N LEU A 21 -3.79 0.98 2.06
CA LEU A 21 -5.18 0.72 2.42
C LEU A 21 -5.88 2.02 2.83
N ASP A 22 -5.17 2.87 3.56
CA ASP A 22 -5.75 4.14 4.00
C ASP A 22 -6.23 4.94 2.80
N LEU A 23 -5.34 5.10 1.82
CA LEU A 23 -5.67 5.84 0.60
C LEU A 23 -6.77 5.13 -0.17
N PHE A 24 -6.64 3.82 -0.29
CA PHE A 24 -7.62 3.02 -1.00
C PHE A 24 -9.00 3.17 -0.37
N GLN A 25 -9.03 3.16 0.96
CA GLN A 25 -10.27 3.30 1.69
C GLN A 25 -10.89 4.67 1.44
N GLY A 26 -10.05 5.69 1.39
CA GLY A 26 -10.53 7.05 1.15
C GLY A 26 -11.69 7.07 0.19
N HIS A 27 -11.41 6.81 -1.09
CA HIS A 27 -12.44 6.81 -2.12
C HIS A 27 -12.05 5.92 -3.29
N LYS A 28 -13.03 5.53 -4.11
CA LYS A 28 -12.77 4.68 -5.25
C LYS A 28 -11.49 5.10 -5.96
N TYR A 2 5.81 -3.77 2.69
CA TYR A 2 6.63 -4.88 2.14
C TYR A 2 6.43 -4.97 0.63
N LYS A 3 5.52 -5.86 0.20
CA LYS A 3 5.24 -6.03 -1.22
C LYS A 3 3.74 -5.91 -1.51
N CYS A 4 3.41 -5.29 -2.63
CA CYS A 4 2.03 -5.12 -3.03
C CYS A 4 1.76 -5.84 -4.35
N GLU A 5 0.85 -6.81 -4.33
CA GLU A 5 0.51 -7.56 -5.53
C GLU A 5 -0.12 -6.61 -6.54
N HIS A 6 -1.00 -5.76 -6.03
CA HIS A 6 -1.66 -4.78 -6.88
C HIS A 6 -0.60 -3.94 -7.52
N CYS A 7 -0.83 -2.64 -7.65
CA CYS A 7 0.17 -1.78 -8.23
C CYS A 7 1.55 -2.29 -7.81
N PRO A 8 2.53 -2.17 -8.70
CA PRO A 8 3.90 -2.62 -8.45
C PRO A 8 4.59 -1.89 -7.31
N GLN A 9 4.44 -2.41 -6.10
CA GLN A 9 5.06 -1.81 -4.92
C GLN A 9 5.88 -2.85 -4.16
N ALA A 10 7.07 -2.45 -3.74
CA ALA A 10 7.95 -3.34 -3.00
C ALA A 10 8.98 -2.55 -2.21
N PHE A 11 8.65 -2.26 -0.96
CA PHE A 11 9.54 -1.53 -0.09
C PHE A 11 9.75 -2.28 1.22
N GLY A 12 10.91 -2.06 1.84
CA GLY A 12 11.20 -2.73 3.09
C GLY A 12 10.22 -2.36 4.18
N ASP A 13 9.76 -1.12 4.15
CA ASP A 13 8.82 -0.63 5.15
C ASP A 13 7.39 -0.84 4.68
N GLU A 14 6.68 -1.71 5.38
CA GLU A 14 5.29 -2.03 5.06
C GLU A 14 4.37 -0.88 5.46
N ARG A 15 4.94 0.13 6.13
CA ARG A 15 4.16 1.27 6.56
C ARG A 15 3.61 2.02 5.36
N GLU A 16 4.44 2.15 4.32
CA GLU A 16 4.01 2.86 3.11
C GLU A 16 2.77 2.21 2.51
N LEU A 17 2.73 0.88 2.46
CA LEU A 17 1.59 0.19 1.90
C LEU A 17 0.36 0.52 2.74
N GLN A 18 0.57 0.56 4.06
CA GLN A 18 -0.52 0.87 4.95
C GLN A 18 -1.19 2.17 4.52
N ARG A 19 -0.38 3.16 4.18
CA ARG A 19 -0.91 4.45 3.73
C ARG A 19 -1.64 4.26 2.41
N HIS A 20 -1.05 3.48 1.52
CA HIS A 20 -1.64 3.23 0.22
C HIS A 20 -3.04 2.64 0.39
N LEU A 21 -3.14 1.60 1.21
CA LEU A 21 -4.42 0.96 1.48
C LEU A 21 -5.33 1.93 2.21
N ASP A 22 -4.72 2.74 3.09
CA ASP A 22 -5.45 3.71 3.88
C ASP A 22 -6.32 4.59 2.99
N LEU A 23 -5.75 5.07 1.91
CA LEU A 23 -6.48 5.93 0.99
C LEU A 23 -7.65 5.19 0.35
N PHE A 24 -7.39 3.96 -0.07
CA PHE A 24 -8.41 3.13 -0.70
C PHE A 24 -9.54 2.80 0.27
N GLN A 25 -9.18 2.50 1.51
CA GLN A 25 -10.18 2.16 2.52
C GLN A 25 -11.06 3.36 2.84
N GLY A 26 -10.45 4.54 2.91
CA GLY A 26 -11.21 5.74 3.21
C GLY A 26 -12.61 5.67 2.63
N HIS A 27 -12.67 5.55 1.31
CA HIS A 27 -13.95 5.48 0.61
C HIS A 27 -13.76 4.77 -0.73
N LYS A 28 -14.87 4.56 -1.43
CA LYS A 28 -14.84 3.90 -2.72
C LYS A 28 -14.33 4.85 -3.80
N TYR A 2 5.89 -4.75 1.84
CA TYR A 2 7.02 -5.48 1.21
C TYR A 2 6.83 -5.57 -0.29
N LYS A 3 5.89 -6.40 -0.72
CA LYS A 3 5.60 -6.57 -2.13
C LYS A 3 4.11 -6.57 -2.38
N CYS A 4 3.62 -5.51 -3.02
CA CYS A 4 2.21 -5.40 -3.32
C CYS A 4 1.89 -6.08 -4.64
N GLU A 5 1.02 -7.08 -4.60
CA GLU A 5 0.64 -7.80 -5.80
C GLU A 5 -0.12 -6.85 -6.69
N HIS A 6 -0.96 -6.03 -6.08
CA HIS A 6 -1.74 -5.06 -6.83
C HIS A 6 -0.74 -4.16 -7.51
N CYS A 7 -1.03 -2.87 -7.58
CA CYS A 7 -0.08 -1.98 -8.22
C CYS A 7 1.32 -2.42 -7.83
N PRO A 8 2.22 -2.52 -8.82
CA PRO A 8 3.60 -2.94 -8.60
C PRO A 8 4.34 -2.07 -7.58
N GLN A 9 4.23 -2.45 -6.30
CA GLN A 9 4.89 -1.72 -5.23
C GLN A 9 5.78 -2.65 -4.42
N ALA A 10 6.97 -2.18 -4.09
CA ALA A 10 7.92 -2.96 -3.31
C ALA A 10 8.74 -2.06 -2.40
N PHE A 11 8.37 -2.02 -1.13
CA PHE A 11 9.07 -1.19 -0.17
C PHE A 11 9.49 -2.02 1.04
N GLY A 12 10.62 -1.67 1.63
CA GLY A 12 11.12 -2.38 2.78
C GLY A 12 10.23 -2.22 4.01
N ASP A 13 9.72 -1.01 4.22
CA ASP A 13 8.85 -0.73 5.35
C ASP A 13 7.39 -0.87 4.94
N GLU A 14 6.65 -1.62 5.73
CA GLU A 14 5.24 -1.83 5.45
C GLU A 14 4.43 -0.62 5.86
N ARG A 15 5.09 0.35 6.48
CA ARG A 15 4.41 1.55 6.92
C ARG A 15 3.85 2.30 5.71
N GLU A 16 4.64 2.37 4.65
CA GLU A 16 4.20 3.06 3.44
C GLU A 16 2.90 2.43 2.93
N LEU A 17 2.88 1.10 2.83
CA LEU A 17 1.70 0.40 2.36
C LEU A 17 0.53 0.64 3.31
N GLN A 18 0.82 0.62 4.62
CA GLN A 18 -0.23 0.84 5.62
C GLN A 18 -1.17 1.93 5.13
N ARG A 19 -0.59 3.04 4.67
CA ARG A 19 -1.37 4.16 4.18
C ARG A 19 -2.05 3.76 2.87
N HIS A 20 -1.32 3.04 2.02
CA HIS A 20 -1.89 2.60 0.75
C HIS A 20 -3.33 2.20 0.94
N LEU A 21 -3.57 1.29 1.88
CA LEU A 21 -4.92 0.83 2.17
C LEU A 21 -5.77 1.98 2.68
N ASP A 22 -5.16 2.83 3.50
CA ASP A 22 -5.86 3.98 4.05
C ASP A 22 -6.41 4.84 2.91
N LEU A 23 -5.54 5.18 1.97
CA LEU A 23 -5.92 6.00 0.83
C LEU A 23 -6.91 5.25 -0.05
N PHE A 24 -6.64 3.97 -0.27
CA PHE A 24 -7.50 3.14 -1.10
C PHE A 24 -8.89 3.05 -0.49
N GLN A 25 -8.95 2.89 0.81
CA GLN A 25 -10.22 2.79 1.52
C GLN A 25 -10.95 4.13 1.43
N GLY A 26 -10.18 5.20 1.38
CA GLY A 26 -10.75 6.54 1.30
C GLY A 26 -11.58 6.73 0.06
N HIS A 27 -11.11 6.17 -1.05
CA HIS A 27 -11.82 6.28 -2.33
C HIS A 27 -12.30 4.90 -2.79
N LYS A 28 -13.48 4.86 -3.39
CA LYS A 28 -14.02 3.60 -3.87
C LYS A 28 -13.50 3.29 -5.27
N TYR A 2 5.79 -3.17 2.16
CA TYR A 2 6.17 -4.53 1.72
C TYR A 2 5.82 -4.72 0.25
N LYS A 3 5.86 -5.97 -0.21
CA LYS A 3 5.55 -6.29 -1.59
C LYS A 3 4.05 -6.20 -1.82
N CYS A 4 3.65 -5.49 -2.86
CA CYS A 4 2.24 -5.33 -3.18
C CYS A 4 1.95 -5.97 -4.52
N GLU A 5 1.10 -7.01 -4.50
CA GLU A 5 0.73 -7.71 -5.71
C GLU A 5 0.00 -6.76 -6.65
N HIS A 6 -0.92 -6.00 -6.10
CA HIS A 6 -1.67 -5.04 -6.89
C HIS A 6 -0.68 -4.08 -7.51
N CYS A 7 -1.04 -2.81 -7.59
CA CYS A 7 -0.14 -1.83 -8.17
C CYS A 7 1.29 -2.21 -7.82
N PRO A 8 2.21 -1.96 -8.74
CA PRO A 8 3.65 -2.26 -8.57
C PRO A 8 4.28 -1.54 -7.38
N GLN A 9 4.18 -2.16 -6.21
CA GLN A 9 4.75 -1.56 -5.00
C GLN A 9 5.58 -2.58 -4.24
N ALA A 10 6.73 -2.13 -3.74
CA ALA A 10 7.61 -3.01 -2.99
C ALA A 10 8.57 -2.20 -2.14
N PHE A 11 8.24 -2.08 -0.86
CA PHE A 11 9.07 -1.33 0.07
C PHE A 11 9.37 -2.17 1.30
N GLY A 12 10.53 -1.95 1.88
CA GLY A 12 10.92 -2.71 3.06
C GLY A 12 10.05 -2.40 4.27
N ASP A 13 9.65 -1.15 4.41
CA ASP A 13 8.81 -0.75 5.55
C ASP A 13 7.33 -0.84 5.17
N GLU A 14 6.60 -1.71 5.86
CA GLU A 14 5.17 -1.90 5.59
C GLU A 14 4.38 -0.59 5.75
N ARG A 15 5.05 0.47 6.19
CA ARG A 15 4.37 1.76 6.37
C ARG A 15 3.74 2.22 5.06
N GLU A 16 4.50 2.09 3.97
CA GLU A 16 4.01 2.50 2.66
C GLU A 16 2.71 1.78 2.31
N LEU A 17 2.67 0.47 2.52
CA LEU A 17 1.48 -0.31 2.22
C LEU A 17 0.33 0.18 3.08
N GLN A 18 0.65 0.45 4.34
CA GLN A 18 -0.33 0.92 5.29
C GLN A 18 -0.97 2.20 4.78
N ARG A 19 -0.15 3.13 4.34
CA ARG A 19 -0.64 4.40 3.81
C ARG A 19 -1.37 4.16 2.50
N HIS A 20 -0.80 3.28 1.68
CA HIS A 20 -1.40 2.95 0.38
C HIS A 20 -2.85 2.50 0.57
N LEU A 21 -3.03 1.54 1.47
CA LEU A 21 -4.36 1.01 1.76
C LEU A 21 -5.25 2.07 2.38
N ASP A 22 -4.67 2.97 3.16
CA ASP A 22 -5.44 4.02 3.80
C ASP A 22 -6.27 4.77 2.77
N LEU A 23 -5.65 5.13 1.65
CA LEU A 23 -6.34 5.84 0.59
C LEU A 23 -7.44 4.98 0.01
N PHE A 24 -7.14 3.70 -0.20
CA PHE A 24 -8.12 2.79 -0.76
C PHE A 24 -9.34 2.71 0.14
N GLN A 25 -9.09 2.63 1.45
CA GLN A 25 -10.17 2.56 2.42
C GLN A 25 -11.05 3.79 2.32
N GLY A 26 -10.43 4.93 2.04
CA GLY A 26 -11.17 6.18 1.92
C GLY A 26 -12.15 6.13 0.76
N HIS A 27 -11.73 5.47 -0.31
CA HIS A 27 -12.55 5.32 -1.52
C HIS A 27 -13.60 4.25 -1.31
N LYS A 28 -14.72 4.36 -2.01
CA LYS A 28 -15.79 3.40 -1.87
C LYS A 28 -15.21 1.98 -1.98
N TYR A 2 8.32 -6.41 1.13
CA TYR A 2 6.84 -6.45 1.10
C TYR A 2 6.32 -5.81 -0.18
N LYS A 3 6.51 -6.51 -1.29
CA LYS A 3 6.06 -6.01 -2.59
C LYS A 3 4.59 -6.34 -2.79
N CYS A 4 3.84 -5.41 -3.36
CA CYS A 4 2.43 -5.63 -3.61
C CYS A 4 2.22 -6.30 -4.95
N GLU A 5 1.50 -7.42 -4.94
CA GLU A 5 1.22 -8.16 -6.16
C GLU A 5 0.36 -7.32 -7.08
N HIS A 6 -0.61 -6.62 -6.50
CA HIS A 6 -1.48 -5.78 -7.28
C HIS A 6 -0.62 -4.72 -7.91
N CYS A 7 -1.11 -3.49 -7.97
CA CYS A 7 -0.32 -2.43 -8.56
C CYS A 7 1.12 -2.63 -8.13
N PRO A 8 1.99 -2.98 -9.09
CA PRO A 8 3.41 -3.21 -8.83
C PRO A 8 4.03 -2.15 -7.92
N GLN A 9 3.90 -2.35 -6.61
CA GLN A 9 4.45 -1.42 -5.64
C GLN A 9 5.47 -2.13 -4.75
N ALA A 10 6.65 -1.55 -4.68
CA ALA A 10 7.74 -2.11 -3.87
C ALA A 10 7.89 -1.34 -2.57
N PHE A 11 7.26 -1.82 -1.51
CA PHE A 11 7.36 -1.14 -0.23
C PHE A 11 8.54 -1.66 0.56
N GLY A 12 9.20 -0.76 1.27
CA GLY A 12 10.37 -1.13 2.06
C GLY A 12 10.03 -1.42 3.51
N ASP A 13 8.82 -1.01 3.94
CA ASP A 13 8.39 -1.24 5.31
C ASP A 13 6.88 -1.41 5.41
N GLU A 14 6.39 -1.60 6.63
CA GLU A 14 4.96 -1.77 6.85
C GLU A 14 4.28 -0.42 6.99
N ARG A 15 5.08 0.62 7.23
CA ARG A 15 4.52 1.94 7.38
C ARG A 15 3.88 2.34 6.06
N GLU A 16 4.59 2.05 4.98
CA GLU A 16 4.08 2.36 3.64
C GLU A 16 2.78 1.61 3.37
N LEU A 17 2.72 0.34 3.77
CA LEU A 17 1.51 -0.44 3.56
C LEU A 17 0.38 0.20 4.32
N GLN A 18 0.67 0.64 5.54
CA GLN A 18 -0.34 1.29 6.37
C GLN A 18 -1.02 2.37 5.54
N ARG A 19 -0.24 3.16 4.81
CA ARG A 19 -0.80 4.22 3.98
C ARG A 19 -1.62 3.57 2.87
N HIS A 20 -1.05 2.54 2.26
CA HIS A 20 -1.71 1.81 1.20
C HIS A 20 -3.21 1.71 1.46
N LEU A 21 -3.56 1.18 2.62
CA LEU A 21 -4.95 1.02 3.00
C LEU A 21 -5.63 2.39 3.11
N ASP A 22 -4.94 3.35 3.68
CA ASP A 22 -5.50 4.70 3.84
C ASP A 22 -5.83 5.31 2.49
N LEU A 23 -4.86 5.28 1.58
CA LEU A 23 -5.06 5.83 0.25
C LEU A 23 -6.11 5.02 -0.51
N PHE A 24 -6.01 3.71 -0.41
CA PHE A 24 -6.94 2.82 -1.09
C PHE A 24 -8.37 3.07 -0.60
N GLN A 25 -8.53 3.23 0.71
CA GLN A 25 -9.83 3.47 1.28
C GLN A 25 -10.33 4.85 0.87
N GLY A 26 -9.39 5.77 0.71
CA GLY A 26 -9.75 7.12 0.32
C GLY A 26 -10.41 7.16 -1.04
N HIS A 27 -9.96 6.28 -1.93
CA HIS A 27 -10.50 6.19 -3.28
C HIS A 27 -11.24 4.88 -3.47
N LYS A 28 -12.16 4.87 -4.42
CA LYS A 28 -12.93 3.67 -4.70
C LYS A 28 -12.03 2.44 -4.77
N TYR A 2 5.57 -3.84 1.92
CA TYR A 2 6.38 -5.04 1.59
C TYR A 2 6.28 -5.37 0.11
N LYS A 3 5.44 -6.36 -0.21
CA LYS A 3 5.25 -6.77 -1.60
C LYS A 3 3.78 -6.68 -1.96
N CYS A 4 3.51 -6.11 -3.14
CA CYS A 4 2.13 -5.97 -3.59
C CYS A 4 2.01 -6.33 -5.08
N GLU A 5 1.31 -7.43 -5.36
CA GLU A 5 1.12 -7.88 -6.74
C GLU A 5 0.33 -6.85 -7.51
N HIS A 6 -0.65 -6.26 -6.84
CA HIS A 6 -1.47 -5.23 -7.46
C HIS A 6 -0.57 -4.11 -7.96
N CYS A 7 -1.05 -2.88 -7.90
CA CYS A 7 -0.23 -1.76 -8.34
C CYS A 7 1.21 -2.02 -7.92
N PRO A 8 2.16 -1.76 -8.83
CA PRO A 8 3.59 -1.97 -8.55
C PRO A 8 4.03 -1.36 -7.23
N GLN A 9 3.88 -2.13 -6.15
CA GLN A 9 4.27 -1.68 -4.82
C GLN A 9 5.26 -2.65 -4.19
N ALA A 10 6.38 -2.13 -3.74
CA ALA A 10 7.42 -2.94 -3.11
C ALA A 10 8.34 -2.09 -2.25
N PHE A 11 8.01 -2.01 -0.97
CA PHE A 11 8.81 -1.23 -0.04
C PHE A 11 9.12 -2.06 1.21
N GLY A 12 10.26 -1.76 1.84
CA GLY A 12 10.65 -2.49 3.02
C GLY A 12 10.01 -1.94 4.28
N ASP A 13 9.44 -0.76 4.17
CA ASP A 13 8.78 -0.10 5.29
C ASP A 13 7.30 -0.47 5.32
N GLU A 14 6.90 -1.23 6.33
CA GLU A 14 5.51 -1.64 6.47
C GLU A 14 4.60 -0.42 6.52
N ARG A 15 5.18 0.73 6.82
CA ARG A 15 4.43 1.97 6.90
C ARG A 15 3.83 2.29 5.54
N GLU A 16 4.62 2.05 4.49
CA GLU A 16 4.17 2.31 3.13
C GLU A 16 2.85 1.58 2.83
N LEU A 17 2.72 0.35 3.32
CA LEU A 17 1.50 -0.41 3.11
C LEU A 17 0.32 0.31 3.73
N GLN A 18 0.55 0.83 4.94
CA GLN A 18 -0.50 1.56 5.65
C GLN A 18 -1.06 2.68 4.77
N ARG A 19 -0.17 3.42 4.11
CA ARG A 19 -0.58 4.52 3.24
C ARG A 19 -1.32 3.99 2.01
N HIS A 20 -0.81 2.91 1.41
CA HIS A 20 -1.46 2.34 0.23
C HIS A 20 -2.92 2.00 0.54
N LEU A 21 -3.14 1.19 1.57
CA LEU A 21 -4.49 0.81 1.97
C LEU A 21 -5.24 2.05 2.44
N ASP A 22 -4.52 2.92 3.14
CA ASP A 22 -5.11 4.15 3.64
C ASP A 22 -5.88 4.82 2.52
N LEU A 23 -5.25 4.86 1.34
CA LEU A 23 -5.86 5.47 0.17
C LEU A 23 -7.12 4.70 -0.21
N PHE A 24 -7.03 3.37 -0.17
CA PHE A 24 -8.15 2.51 -0.50
C PHE A 24 -9.32 2.77 0.43
N GLN A 25 -9.01 2.91 1.72
CA GLN A 25 -10.03 3.16 2.72
C GLN A 25 -10.69 4.51 2.49
N GLY A 26 -9.90 5.48 2.04
CA GLY A 26 -10.42 6.80 1.78
C GLY A 26 -11.50 6.80 0.70
N HIS A 27 -11.34 5.92 -0.28
CA HIS A 27 -12.29 5.80 -1.37
C HIS A 27 -13.01 4.46 -1.33
N LYS A 28 -14.27 4.42 -1.77
CA LYS A 28 -15.05 3.19 -1.77
C LYS A 28 -14.14 1.98 -1.91
N TYR A 2 8.11 -5.99 2.01
CA TYR A 2 6.78 -6.43 1.52
C TYR A 2 6.56 -5.97 0.08
N LYS A 3 5.78 -6.75 -0.67
CA LYS A 3 5.49 -6.41 -2.06
C LYS A 3 4.00 -6.59 -2.33
N CYS A 4 3.36 -5.54 -2.82
CA CYS A 4 1.94 -5.59 -3.13
C CYS A 4 1.71 -6.06 -4.56
N GLU A 5 0.89 -7.10 -4.72
CA GLU A 5 0.59 -7.67 -6.03
C GLU A 5 -0.09 -6.63 -6.93
N HIS A 6 -1.04 -5.88 -6.37
CA HIS A 6 -1.73 -4.86 -7.16
C HIS A 6 -0.69 -3.90 -7.67
N CYS A 7 -1.00 -2.62 -7.69
CA CYS A 7 -0.03 -1.64 -8.16
C CYS A 7 1.35 -2.08 -7.68
N PRO A 8 2.33 -2.08 -8.57
CA PRO A 8 3.71 -2.48 -8.24
C PRO A 8 4.33 -1.70 -7.09
N GLN A 9 4.11 -2.17 -5.85
CA GLN A 9 4.66 -1.53 -4.69
C GLN A 9 5.58 -2.49 -3.94
N ALA A 10 6.77 -2.01 -3.59
CA ALA A 10 7.73 -2.83 -2.88
C ALA A 10 8.67 -1.95 -2.06
N PHE A 11 8.38 -1.89 -0.76
CA PHE A 11 9.19 -1.10 0.15
C PHE A 11 9.64 -1.97 1.33
N GLY A 12 10.75 -1.61 1.92
CA GLY A 12 11.26 -2.37 3.05
C GLY A 12 10.33 -2.32 4.25
N ASP A 13 9.77 -1.14 4.50
CA ASP A 13 8.86 -0.95 5.62
C ASP A 13 7.44 -1.25 5.18
N GLU A 14 6.57 -1.46 6.15
CA GLU A 14 5.18 -1.75 5.88
C GLU A 14 4.32 -0.48 5.93
N ARG A 15 4.94 0.63 6.32
CA ARG A 15 4.23 1.91 6.40
C ARG A 15 3.71 2.31 5.03
N GLU A 16 4.55 2.13 4.03
CA GLU A 16 4.17 2.47 2.66
C GLU A 16 2.88 1.76 2.29
N LEU A 17 2.84 0.45 2.54
CA LEU A 17 1.65 -0.33 2.23
C LEU A 17 0.50 0.21 3.07
N GLN A 18 0.81 0.50 4.32
CA GLN A 18 -0.18 1.04 5.23
C GLN A 18 -0.86 2.26 4.62
N ARG A 19 -0.06 3.12 3.97
CA ARG A 19 -0.59 4.32 3.34
C ARG A 19 -1.48 3.93 2.16
N HIS A 20 -1.05 2.92 1.39
CA HIS A 20 -1.84 2.47 0.25
C HIS A 20 -3.25 2.06 0.71
N LEU A 21 -3.33 1.35 1.84
CA LEU A 21 -4.63 0.92 2.37
C LEU A 21 -5.44 2.14 2.77
N ASP A 22 -4.78 3.15 3.33
CA ASP A 22 -5.48 4.36 3.75
C ASP A 22 -6.22 4.94 2.55
N LEU A 23 -5.52 5.00 1.43
CA LEU A 23 -6.11 5.52 0.20
C LEU A 23 -7.27 4.65 -0.22
N PHE A 24 -7.06 3.35 -0.12
CA PHE A 24 -8.10 2.39 -0.49
C PHE A 24 -9.34 2.64 0.36
N GLN A 25 -9.13 2.86 1.65
CA GLN A 25 -10.25 3.11 2.56
C GLN A 25 -11.05 4.31 2.06
N GLY A 26 -10.34 5.25 1.44
CA GLY A 26 -10.99 6.44 0.90
C GLY A 26 -11.99 6.09 -0.18
N HIS A 27 -11.68 5.05 -0.95
CA HIS A 27 -12.56 4.61 -2.02
C HIS A 27 -13.34 3.37 -1.58
N LYS A 28 -14.33 3.57 -0.72
CA LYS A 28 -15.15 2.46 -0.23
C LYS A 28 -15.55 1.55 -1.37
N TYR A 2 7.82 -6.32 1.99
CA TYR A 2 6.34 -6.35 1.79
C TYR A 2 5.98 -5.81 0.41
N LYS A 3 6.11 -6.64 -0.62
CA LYS A 3 5.79 -6.22 -1.99
C LYS A 3 4.28 -6.13 -2.21
N CYS A 4 3.86 -5.11 -2.94
CA CYS A 4 2.44 -4.90 -3.23
C CYS A 4 1.99 -5.63 -4.49
N GLU A 5 1.01 -6.51 -4.32
CA GLU A 5 0.47 -7.29 -5.44
C GLU A 5 -0.14 -6.38 -6.50
N HIS A 6 -0.93 -5.39 -6.05
CA HIS A 6 -1.56 -4.47 -6.99
C HIS A 6 -0.48 -3.70 -7.74
N CYS A 7 -0.73 -2.42 -7.97
CA CYS A 7 0.25 -1.59 -8.68
C CYS A 7 1.65 -2.06 -8.31
N PRO A 8 2.33 -2.71 -9.27
CA PRO A 8 3.69 -3.22 -9.05
C PRO A 8 4.56 -2.29 -8.21
N GLN A 9 4.46 -2.40 -6.88
CA GLN A 9 5.26 -1.55 -6.01
C GLN A 9 5.79 -2.34 -4.83
N ALA A 10 7.10 -2.24 -4.61
CA ALA A 10 7.75 -2.94 -3.52
C ALA A 10 7.95 -2.01 -2.33
N PHE A 11 7.63 -2.50 -1.14
CA PHE A 11 7.77 -1.71 0.07
C PHE A 11 8.89 -2.28 0.93
N GLY A 12 9.62 -1.41 1.61
CA GLY A 12 10.70 -1.85 2.45
C GLY A 12 10.30 -1.89 3.91
N ASP A 13 9.13 -1.34 4.22
CA ASP A 13 8.63 -1.31 5.58
C ASP A 13 7.10 -1.37 5.60
N GLU A 14 6.54 -1.72 6.74
CA GLU A 14 5.10 -1.82 6.90
C GLU A 14 4.41 -0.47 6.76
N ARG A 15 5.16 0.62 6.95
CA ARG A 15 4.59 1.97 6.84
C ARG A 15 4.03 2.20 5.44
N GLU A 16 4.77 1.77 4.41
CA GLU A 16 4.30 1.96 3.04
C GLU A 16 2.90 1.38 2.86
N LEU A 17 2.67 0.20 3.46
CA LEU A 17 1.38 -0.46 3.37
C LEU A 17 0.28 0.41 3.98
N GLN A 18 0.59 1.03 5.12
CA GLN A 18 -0.38 1.89 5.80
C GLN A 18 -0.90 2.95 4.84
N ARG A 19 -0.01 3.58 4.08
CA ARG A 19 -0.40 4.61 3.12
C ARG A 19 -1.26 3.99 2.02
N HIS A 20 -0.88 2.79 1.58
CA HIS A 20 -1.61 2.09 0.53
C HIS A 20 -3.06 1.87 0.93
N LEU A 21 -3.27 1.36 2.15
CA LEU A 21 -4.62 1.11 2.63
C LEU A 21 -5.39 2.41 2.77
N ASP A 22 -4.70 3.48 3.20
CA ASP A 22 -5.37 4.76 3.34
C ASP A 22 -6.14 5.03 2.06
N LEU A 23 -5.48 4.76 0.94
CA LEU A 23 -6.08 4.96 -0.37
C LEU A 23 -7.28 4.04 -0.54
N PHE A 24 -7.13 2.80 -0.10
CA PHE A 24 -8.19 1.80 -0.19
C PHE A 24 -9.41 2.23 0.62
N GLN A 25 -9.17 2.76 1.82
CA GLN A 25 -10.26 3.20 2.68
C GLN A 25 -11.02 4.35 2.03
N GLY A 26 -10.29 5.29 1.47
CA GLY A 26 -10.92 6.42 0.82
C GLY A 26 -11.69 6.02 -0.42
N HIS A 27 -11.12 5.09 -1.17
CA HIS A 27 -11.76 4.60 -2.39
C HIS A 27 -11.62 3.09 -2.51
N LYS A 28 -12.60 2.44 -3.17
CA LYS A 28 -12.57 0.99 -3.34
C LYS A 28 -11.49 0.60 -4.34
#